data_2WIM
#
_entry.id   2WIM
#
_cell.length_a   38.390
_cell.length_b   106.780
_cell.length_c   188.740
_cell.angle_alpha   90.00
_cell.angle_beta   90.00
_cell.angle_gamma   90.00
#
_symmetry.space_group_name_H-M   'P 21 21 21'
#
loop_
_entity.id
_entity.type
_entity.pdbx_description
1 polymer 'NEURAL CELL ADHESION MOLECULE 2'
2 non-polymer 2-acetamido-2-deoxy-beta-D-glucopyranose
3 non-polymer 'CALCIUM ION'
4 water water
#
_entity_poly.entity_id   1
_entity_poly.type   'polypeptide(L)'
_entity_poly.pdbx_seq_one_letter_code
;SMALLQVTISLSKVELSVGESKFFTCTAIGEPESIDWYNPQGEKIISTQRVVVQKEGVRSRLTIYNANIEDAGIYRCQAT
DAKGQTQEATVVLEIYQKLTFREVVSPQEFKQGEDAEVVCRVSSSPAPAVSWLYHNEEVTTISDNRFAMLANNNLQILNI
NKSDEGIYRCEGRVEARGEIDFRDIIVIVNVPPAISMPQKSFNATAERGEEMTFSCRASGSPEPAISWFRNGKLIEENEK
YILKGSNTELTVRNIINSDGGPYVCRATNKAGEDEKQAFLQVFVQHHHHHH
;
_entity_poly.pdbx_strand_id   A,B
#
# COMPACT_ATOMS: atom_id res chain seq x y z
N ALA A 3 -47.58 16.71 -7.83
CA ALA A 3 -48.39 17.81 -8.35
C ALA A 3 -47.55 19.01 -8.80
N LEU A 4 -46.67 19.53 -7.94
CA LEU A 4 -45.79 20.66 -8.27
C LEU A 4 -44.30 20.48 -7.94
N LEU A 5 -43.57 21.60 -7.86
CA LEU A 5 -42.10 21.61 -7.74
C LEU A 5 -41.54 20.72 -6.63
N GLN A 6 -40.44 20.04 -6.92
CA GLN A 6 -39.80 19.17 -5.92
C GLN A 6 -38.35 18.82 -6.21
N VAL A 7 -37.63 18.54 -5.13
CA VAL A 7 -36.18 18.44 -5.16
C VAL A 7 -35.72 17.07 -4.72
N THR A 8 -34.66 16.55 -5.36
CA THR A 8 -34.12 15.25 -4.99
C THR A 8 -32.59 15.27 -4.93
N ILE A 9 -32.02 14.24 -4.31
CA ILE A 9 -30.58 14.13 -4.15
C ILE A 9 -30.10 12.71 -4.47
N SER A 10 -28.97 12.61 -5.17
CA SER A 10 -28.37 11.34 -5.53
C SER A 10 -28.33 10.34 -4.38
N LEU A 11 -27.96 10.82 -3.19
CA LEU A 11 -27.94 9.98 -1.99
C LEU A 11 -28.77 10.65 -0.93
N SER A 12 -29.04 9.91 0.15
CA SER A 12 -29.85 10.42 1.25
C SER A 12 -29.09 10.34 2.57
N LYS A 13 -28.40 9.22 2.76
CA LYS A 13 -27.60 9.01 3.95
C LYS A 13 -26.27 8.35 3.59
N VAL A 14 -25.19 9.12 3.59
CA VAL A 14 -23.87 8.54 3.33
C VAL A 14 -22.97 8.64 4.55
N GLU A 15 -22.09 7.65 4.71
CA GLU A 15 -21.13 7.67 5.79
C GLU A 15 -19.78 7.14 5.32
N LEU A 16 -18.78 8.02 5.29
CA LEU A 16 -17.47 7.67 4.72
C LEU A 16 -16.33 7.79 5.72
N SER A 17 -15.24 7.08 5.44
CA SER A 17 -14.06 7.14 6.28
C SER A 17 -13.45 8.53 6.16
N VAL A 18 -12.48 8.84 7.03
CA VAL A 18 -11.87 10.15 7.01
C VAL A 18 -10.80 10.14 5.93
N GLY A 19 -10.81 11.17 5.09
CA GLY A 19 -9.95 11.18 3.91
C GLY A 19 -10.66 10.73 2.65
N GLU A 20 -11.68 9.88 2.80
CA GLU A 20 -12.50 9.47 1.67
C GLU A 20 -13.18 10.66 1.01
N SER A 21 -13.49 10.55 -0.27
CA SER A 21 -14.18 11.63 -0.97
C SER A 21 -15.50 11.14 -1.53
N LYS A 22 -16.31 12.07 -2.03
CA LYS A 22 -17.59 11.68 -2.63
C LYS A 22 -18.33 12.89 -3.20
N PHE A 23 -19.22 12.66 -4.16
CA PHE A 23 -20.06 13.74 -4.66
C PHE A 23 -21.54 13.40 -4.55
N PHE A 24 -22.38 14.43 -4.53
CA PHE A 24 -23.83 14.25 -4.45
C PHE A 24 -24.46 15.15 -5.46
N THR A 25 -25.53 14.68 -6.06
CA THR A 25 -26.19 15.47 -7.08
C THR A 25 -27.60 15.84 -6.67
N CYS A 26 -27.92 17.12 -6.87
CA CYS A 26 -29.22 17.65 -6.52
C CYS A 26 -30.01 18.01 -7.77
N THR A 27 -30.97 17.16 -8.10
CA THR A 27 -31.89 17.47 -9.19
C THR A 27 -33.10 18.25 -8.68
N ALA A 28 -33.51 19.25 -9.44
CA ALA A 28 -34.67 20.09 -9.09
C ALA A 28 -35.77 19.96 -10.14
N ILE A 29 -36.53 18.86 -10.07
CA ILE A 29 -37.61 18.60 -11.02
C ILE A 29 -38.63 19.72 -11.00
N GLY A 30 -38.60 20.54 -12.05
CA GLY A 30 -39.45 21.71 -12.13
C GLY A 30 -38.73 22.78 -12.94
N GLU A 31 -38.99 24.05 -12.61
CA GLU A 31 -38.29 25.15 -13.27
C GLU A 31 -37.78 26.17 -12.25
N PRO A 32 -36.79 25.77 -11.45
CA PRO A 32 -36.15 26.60 -10.42
C PRO A 32 -35.35 27.76 -10.99
N GLU A 33 -35.30 28.85 -10.24
CA GLU A 33 -34.41 29.94 -10.56
C GLU A 33 -33.25 29.90 -9.58
N SER A 34 -33.41 29.08 -8.54
CA SER A 34 -32.45 28.98 -7.45
C SER A 34 -32.11 27.53 -7.12
N ILE A 35 -30.83 27.24 -7.01
CA ILE A 35 -30.37 25.92 -6.57
C ILE A 35 -29.14 26.12 -5.70
N ASP A 36 -29.27 25.86 -4.39
CA ASP A 36 -28.17 26.12 -3.47
C ASP A 36 -27.98 25.03 -2.43
N TRP A 37 -26.72 24.75 -2.12
CA TRP A 37 -26.38 23.82 -1.07
C TRP A 37 -26.12 24.56 0.24
N TYR A 38 -26.07 23.81 1.32
CA TYR A 38 -25.80 24.37 2.62
C TYR A 38 -25.09 23.33 3.44
N ASN A 39 -24.05 23.76 4.15
CA ASN A 39 -23.31 22.86 5.03
C ASN A 39 -24.14 22.63 6.27
N PRO A 40 -23.73 21.65 7.09
CA PRO A 40 -24.46 21.35 8.33
C PRO A 40 -24.52 22.55 9.28
N GLN A 41 -23.84 23.64 8.95
CA GLN A 41 -23.86 24.84 9.77
C GLN A 41 -24.95 25.81 9.32
N GLY A 42 -25.38 25.67 8.07
CA GLY A 42 -26.43 26.51 7.52
C GLY A 42 -25.86 27.67 6.71
N GLU A 43 -24.64 27.51 6.23
CA GLU A 43 -24.04 28.49 5.33
C GLU A 43 -24.20 28.05 3.89
N LYS A 44 -24.56 28.98 3.02
CA LYS A 44 -24.76 28.64 1.62
C LYS A 44 -23.43 28.29 1.01
N ILE A 45 -23.17 27.00 0.88
CA ILE A 45 -21.89 26.51 0.41
C ILE A 45 -21.33 27.35 -0.75
N ILE A 46 -20.08 27.77 -0.59
CA ILE A 46 -19.37 28.44 -1.66
C ILE A 46 -18.29 27.49 -2.12
N SER A 47 -17.86 27.62 -3.38
CA SER A 47 -16.98 26.60 -3.92
C SER A 47 -15.54 26.71 -3.43
N THR A 48 -14.98 25.57 -3.08
CA THR A 48 -13.57 25.46 -2.73
C THR A 48 -13.03 24.18 -3.33
N GLN A 49 -11.77 24.20 -3.76
CA GLN A 49 -11.20 23.05 -4.47
C GLN A 49 -11.22 21.74 -3.66
N ARG A 50 -11.60 21.80 -2.38
CA ARG A 50 -11.81 20.58 -1.61
C ARG A 50 -13.29 20.25 -1.43
N VAL A 51 -14.11 21.28 -1.39
CA VAL A 51 -15.56 21.11 -1.43
C VAL A 51 -16.11 21.95 -2.57
N VAL A 52 -16.36 21.27 -3.68
CA VAL A 52 -16.67 21.93 -4.93
C VAL A 52 -18.15 21.84 -5.22
N VAL A 53 -18.69 22.94 -5.73
CA VAL A 53 -20.08 22.96 -6.15
C VAL A 53 -20.23 23.36 -7.62
N GLN A 54 -20.73 22.40 -8.40
CA GLN A 54 -20.93 22.58 -9.83
C GLN A 54 -22.41 22.71 -10.12
N LYS A 55 -22.80 23.76 -10.83
CA LYS A 55 -24.21 23.98 -11.11
C LYS A 55 -24.47 23.97 -12.60
N GLU A 56 -25.30 23.04 -13.04
CA GLU A 56 -25.65 22.95 -14.44
C GLU A 56 -27.13 22.69 -14.61
N GLY A 57 -27.69 23.25 -15.68
CA GLY A 57 -29.08 23.03 -16.01
C GLY A 57 -29.97 23.15 -14.80
N VAL A 58 -30.53 22.02 -14.37
CA VAL A 58 -31.50 22.02 -13.29
C VAL A 58 -31.00 21.11 -12.16
N ARG A 59 -29.74 20.68 -12.27
CA ARG A 59 -29.10 19.92 -11.20
C ARG A 59 -27.92 20.70 -10.64
N SER A 60 -27.38 20.20 -9.54
CA SER A 60 -26.25 20.82 -8.87
C SER A 60 -25.46 19.73 -8.14
N ARG A 61 -24.16 19.66 -8.41
CA ARG A 61 -23.34 18.61 -7.85
C ARG A 61 -22.39 19.15 -6.79
N LEU A 62 -22.35 18.48 -5.65
CA LEU A 62 -21.54 18.91 -4.53
C LEU A 62 -20.56 17.79 -4.23
N THR A 63 -19.28 18.12 -4.35
CA THR A 63 -18.21 17.13 -4.21
C THR A 63 -17.35 17.46 -3.00
N ILE A 64 -17.27 16.52 -2.08
CA ILE A 64 -16.38 16.64 -0.92
C ILE A 64 -15.17 15.76 -1.11
N TYR A 65 -14.00 16.37 -1.18
CA TYR A 65 -12.75 15.65 -1.32
C TYR A 65 -12.12 15.50 0.05
N ASN A 66 -11.57 14.32 0.33
CA ASN A 66 -10.92 14.06 1.60
C ASN A 66 -11.72 14.68 2.75
N ALA A 67 -12.79 13.99 3.12
CA ALA A 67 -13.68 14.46 4.17
C ALA A 67 -13.04 14.32 5.54
N ASN A 68 -13.05 15.42 6.27
CA ASN A 68 -12.60 15.46 7.65
C ASN A 68 -13.81 15.39 8.57
N ILE A 69 -13.58 15.61 9.85
CA ILE A 69 -14.63 15.44 10.84
C ILE A 69 -15.57 16.63 10.94
N GLU A 70 -15.09 17.80 10.52
CA GLU A 70 -15.92 18.99 10.52
C GLU A 70 -16.89 18.92 9.33
N ASP A 71 -16.86 17.79 8.64
CA ASP A 71 -17.69 17.61 7.44
C ASP A 71 -19.03 16.95 7.73
N ALA A 72 -19.09 16.14 8.78
CA ALA A 72 -20.33 15.42 9.07
C ALA A 72 -21.50 16.38 9.31
N GLY A 73 -22.71 15.92 9.01
CA GLY A 73 -23.89 16.73 9.23
C GLY A 73 -24.97 16.57 8.17
N ILE A 74 -25.96 17.44 8.25
CA ILE A 74 -27.08 17.39 7.33
C ILE A 74 -26.93 18.51 6.33
N TYR A 75 -26.54 18.14 5.13
CA TYR A 75 -26.46 19.08 4.04
C TYR A 75 -27.85 19.22 3.42
N ARG A 76 -28.09 20.37 2.79
CA ARG A 76 -29.37 20.64 2.19
C ARG A 76 -29.23 21.34 0.86
N CYS A 77 -29.84 20.76 -0.17
CA CYS A 77 -29.97 21.41 -1.46
C CYS A 77 -31.34 22.04 -1.44
N GLN A 78 -31.45 23.26 -1.96
CA GLN A 78 -32.73 23.93 -1.88
C GLN A 78 -32.99 24.82 -3.06
N ALA A 79 -34.11 24.56 -3.71
CA ALA A 79 -34.44 25.19 -4.97
C ALA A 79 -35.54 26.20 -4.77
N THR A 80 -35.62 27.15 -5.69
CA THR A 80 -36.67 28.16 -5.65
C THR A 80 -36.98 28.72 -7.03
N ASP A 81 -38.25 28.63 -7.42
CA ASP A 81 -38.70 29.11 -8.72
C ASP A 81 -38.93 30.61 -8.71
N ALA A 82 -39.51 31.11 -9.79
CA ALA A 82 -39.89 32.52 -9.86
C ALA A 82 -40.95 32.83 -8.81
N LYS A 83 -41.80 31.84 -8.54
CA LYS A 83 -42.77 31.94 -7.46
C LYS A 83 -42.03 31.87 -6.13
N GLY A 84 -42.75 32.06 -5.03
CA GLY A 84 -42.15 31.97 -3.71
C GLY A 84 -41.92 30.54 -3.26
N GLN A 85 -42.39 29.57 -4.05
CA GLN A 85 -42.24 28.16 -3.69
C GLN A 85 -40.76 27.82 -3.49
N THR A 86 -40.47 27.07 -2.43
CA THR A 86 -39.09 26.81 -2.03
C THR A 86 -38.94 25.41 -1.46
N GLN A 87 -38.64 24.46 -2.32
CA GLN A 87 -38.47 23.09 -1.90
C GLN A 87 -37.01 22.79 -1.58
N GLU A 88 -36.80 21.75 -0.78
CA GLU A 88 -35.44 21.36 -0.43
C GLU A 88 -35.35 19.86 -0.21
N ALA A 89 -34.14 19.35 -0.39
CA ALA A 89 -33.81 17.97 -0.06
C ALA A 89 -32.61 18.02 0.87
N THR A 90 -32.45 16.99 1.71
CA THR A 90 -31.32 16.96 2.62
C THR A 90 -30.62 15.62 2.58
N VAL A 91 -29.33 15.63 2.87
CA VAL A 91 -28.55 14.39 2.92
C VAL A 91 -27.69 14.43 4.14
N VAL A 92 -27.58 13.28 4.78
CA VAL A 92 -26.86 13.16 6.04
C VAL A 92 -25.53 12.51 5.82
N LEU A 93 -24.49 13.25 6.19
CA LEU A 93 -23.12 12.80 6.04
C LEU A 93 -22.57 12.37 7.39
N GLU A 94 -21.94 11.21 7.45
CA GLU A 94 -21.29 10.76 8.66
C GLU A 94 -19.84 10.45 8.37
N ILE A 95 -18.94 11.19 9.01
CA ILE A 95 -17.51 10.91 8.90
C ILE A 95 -17.08 9.98 10.03
N TYR A 96 -16.41 8.88 9.68
CA TYR A 96 -15.95 7.93 10.69
C TYR A 96 -14.51 7.51 10.43
N GLN A 97 -14.03 6.52 11.18
CA GLN A 97 -12.67 6.03 11.01
C GLN A 97 -12.59 4.53 10.79
N LYS A 98 -12.13 4.17 9.59
CA LYS A 98 -11.85 2.78 9.28
C LYS A 98 -10.92 2.17 10.32
N LEU A 99 -10.95 0.85 10.45
CA LEU A 99 -9.98 0.14 11.27
C LEU A 99 -8.57 0.42 10.75
N THR A 100 -7.78 1.16 11.52
CA THR A 100 -6.39 1.43 11.16
C THR A 100 -5.42 0.62 12.01
N PHE A 101 -4.30 0.20 11.40
CA PHE A 101 -3.27 -0.54 12.14
C PHE A 101 -1.92 0.15 12.10
N ARG A 102 -1.87 1.39 12.58
CA ARG A 102 -0.67 2.20 12.41
C ARG A 102 0.52 1.68 13.21
N GLU A 103 1.71 1.90 12.64
CA GLU A 103 2.99 1.61 13.29
C GLU A 103 3.00 0.27 14.02
N VAL A 104 2.82 -0.81 13.27
CA VAL A 104 2.73 -2.12 13.89
C VAL A 104 3.79 -3.05 13.32
N VAL A 105 4.93 -3.15 14.01
CA VAL A 105 6.01 -4.00 13.51
C VAL A 105 5.69 -5.48 13.69
N SER A 106 6.26 -6.30 12.82
CA SER A 106 6.19 -7.73 13.01
C SER A 106 7.56 -8.29 13.43
N PRO A 107 7.98 -9.42 12.83
CA PRO A 107 8.84 -10.37 13.53
C PRO A 107 9.18 -9.91 14.94
N GLN A 108 8.19 -9.89 15.83
CA GLN A 108 8.42 -9.44 17.20
C GLN A 108 9.15 -10.53 17.97
N GLU A 109 10.28 -10.17 18.59
CA GLU A 109 11.13 -11.13 19.26
C GLU A 109 11.01 -11.03 20.76
N PHE A 110 11.15 -12.16 21.44
CA PHE A 110 11.00 -12.25 22.88
C PHE A 110 11.87 -13.38 23.43
N LYS A 111 12.39 -13.22 24.65
CA LYS A 111 13.32 -14.17 25.25
C LYS A 111 12.65 -15.23 26.13
N GLN A 112 12.85 -16.49 25.76
CA GLN A 112 12.33 -17.67 26.48
C GLN A 112 11.50 -17.45 27.73
N GLY A 113 12.07 -16.81 28.75
CA GLY A 113 11.41 -16.71 30.04
C GLY A 113 10.56 -15.47 30.25
N GLU A 114 10.92 -14.38 29.60
CA GLU A 114 10.32 -13.07 29.85
C GLU A 114 8.80 -13.02 29.78
N ASP A 115 8.25 -11.84 30.04
CA ASP A 115 6.83 -11.57 29.89
C ASP A 115 6.57 -10.81 28.59
N ALA A 116 6.12 -11.54 27.57
CA ALA A 116 5.96 -10.96 26.25
C ALA A 116 4.65 -10.20 26.08
N GLU A 117 4.71 -9.10 25.33
CA GLU A 117 3.51 -8.32 24.99
C GLU A 117 3.43 -8.08 23.49
N VAL A 118 2.70 -8.93 22.78
CA VAL A 118 2.54 -8.75 21.34
C VAL A 118 1.69 -7.52 21.07
N VAL A 119 2.21 -6.63 20.22
CA VAL A 119 1.61 -5.32 20.06
C VAL A 119 0.88 -5.11 18.75
N CYS A 120 -0.38 -4.69 18.86
CA CYS A 120 -1.20 -4.40 17.71
C CYS A 120 -1.91 -3.07 17.93
N ARG A 121 -1.45 -2.04 17.23
CA ARG A 121 -2.03 -0.72 17.35
C ARG A 121 -3.16 -0.60 16.33
N VAL A 122 -4.38 -0.85 16.78
CA VAL A 122 -5.54 -0.80 15.91
C VAL A 122 -6.63 0.08 16.51
N SER A 123 -7.35 0.79 15.64
CA SER A 123 -8.32 1.77 16.09
C SER A 123 -9.33 2.12 14.99
N SER A 124 -10.53 2.49 15.42
CA SER A 124 -11.59 2.90 14.50
C SER A 124 -12.51 3.86 15.25
N SER A 125 -13.49 4.43 14.56
CA SER A 125 -14.43 5.36 15.19
C SER A 125 -15.20 4.69 16.32
N PRO A 126 -16.28 3.96 16.01
CA PRO A 126 -16.69 3.24 17.22
C PRO A 126 -15.56 2.32 17.61
N ALA A 127 -15.10 2.45 18.85
CA ALA A 127 -14.01 1.63 19.37
C ALA A 127 -14.09 0.21 18.84
N PRO A 128 -13.01 -0.24 18.17
CA PRO A 128 -12.89 -1.59 17.62
C PRO A 128 -12.99 -2.65 18.70
N ALA A 129 -13.32 -3.88 18.30
CA ALA A 129 -13.39 -4.99 19.23
C ALA A 129 -12.34 -6.00 18.82
N VAL A 130 -11.16 -5.89 19.42
CA VAL A 130 -10.01 -6.68 18.99
C VAL A 130 -10.06 -8.10 19.52
N SER A 131 -9.22 -8.95 18.95
CA SER A 131 -9.25 -10.36 19.25
C SER A 131 -7.99 -11.05 18.72
N TRP A 132 -7.48 -12.03 19.45
CA TRP A 132 -6.24 -12.69 19.09
C TRP A 132 -6.42 -14.17 18.78
N LEU A 133 -5.97 -14.58 17.60
CA LEU A 133 -6.11 -15.96 17.16
C LEU A 133 -4.76 -16.60 16.83
N TYR A 134 -4.69 -17.91 17.03
CA TYR A 134 -3.47 -18.66 16.77
C TYR A 134 -3.65 -19.74 15.68
N HIS A 135 -4.85 -20.33 15.60
CA HIS A 135 -5.04 -21.52 14.76
C HIS A 135 -6.20 -21.40 13.78
N THR A 140 -8.70 -21.99 17.47
CA THR A 140 -8.08 -20.86 16.78
C THR A 140 -7.98 -19.64 17.69
N THR A 141 -9.03 -19.38 18.46
CA THR A 141 -9.00 -18.32 19.44
C THR A 141 -8.06 -18.73 20.56
N ILE A 142 -7.87 -17.84 21.53
CA ILE A 142 -6.96 -18.13 22.61
C ILE A 142 -7.26 -17.32 23.87
N SER A 143 -7.09 -17.96 25.03
CA SER A 143 -7.42 -17.40 26.33
C SER A 143 -7.20 -18.45 27.42
N ASP A 144 -5.94 -18.83 27.63
CA ASP A 144 -5.63 -20.01 28.44
C ASP A 144 -4.93 -19.71 29.77
N ASN A 145 -5.46 -18.77 30.53
CA ASN A 145 -4.93 -18.43 31.86
C ASN A 145 -3.43 -18.18 31.89
N ARG A 146 -2.85 -17.96 30.72
CA ARG A 146 -1.45 -17.56 30.59
C ARG A 146 -1.40 -16.50 29.50
N PHE A 147 -2.45 -16.50 28.68
CA PHE A 147 -2.65 -15.49 27.65
C PHE A 147 -3.83 -14.59 28.03
N ALA A 148 -3.66 -13.28 27.89
CA ALA A 148 -4.71 -12.33 28.24
C ALA A 148 -4.60 -11.02 27.45
N MET A 149 -5.73 -10.43 27.09
CA MET A 149 -5.72 -9.18 26.34
C MET A 149 -5.77 -7.96 27.26
N LEU A 150 -4.71 -7.17 27.21
CA LEU A 150 -4.63 -5.96 28.00
C LEU A 150 -5.67 -4.93 27.55
N ALA A 151 -5.90 -3.91 28.38
CA ALA A 151 -6.85 -2.85 28.05
C ALA A 151 -6.44 -2.04 26.83
N ASN A 152 -5.21 -2.25 26.39
CA ASN A 152 -4.66 -1.50 25.26
C ASN A 152 -4.71 -2.34 23.99
N ASN A 153 -5.31 -3.52 24.11
CA ASN A 153 -5.52 -4.45 23.00
C ASN A 153 -4.42 -5.48 22.79
N ASN A 154 -3.23 -5.22 23.31
CA ASN A 154 -2.14 -6.15 23.16
C ASN A 154 -2.43 -7.41 23.96
N LEU A 155 -1.93 -8.56 23.51
CA LEU A 155 -1.99 -9.75 24.36
C LEU A 155 -0.63 -9.97 24.99
N GLN A 156 -0.64 -10.51 26.21
CA GLN A 156 0.60 -10.85 26.89
C GLN A 156 0.70 -12.36 27.08
N ILE A 157 1.93 -12.84 27.16
CA ILE A 157 2.20 -14.23 27.48
C ILE A 157 3.25 -14.24 28.58
N LEU A 158 2.87 -14.76 29.74
CA LEU A 158 3.66 -14.61 30.95
C LEU A 158 5.00 -15.35 30.93
N ASN A 159 5.02 -16.53 30.34
CA ASN A 159 6.23 -17.32 30.35
C ASN A 159 6.56 -17.83 28.96
N ILE A 160 6.74 -16.89 28.04
CA ILE A 160 6.81 -17.21 26.62
C ILE A 160 7.77 -18.35 26.29
N ASN A 161 7.30 -19.57 26.50
CA ASN A 161 8.03 -20.75 26.09
C ASN A 161 8.24 -20.74 24.57
N LYS A 162 9.16 -21.55 24.06
CA LYS A 162 9.51 -21.46 22.65
C LYS A 162 8.46 -22.08 21.71
N SER A 163 7.65 -22.99 22.23
CA SER A 163 6.60 -23.61 21.42
C SER A 163 5.53 -22.58 21.10
N ASP A 164 5.43 -21.59 21.99
CA ASP A 164 4.51 -20.48 21.80
C ASP A 164 4.81 -19.74 20.51
N GLU A 165 6.09 -19.77 20.11
CA GLU A 165 6.52 -19.18 18.85
C GLU A 165 5.58 -19.57 17.72
N GLY A 166 5.10 -18.57 16.98
CA GLY A 166 4.20 -18.82 15.88
C GLY A 166 3.58 -17.55 15.34
N ILE A 167 2.50 -17.73 14.59
CA ILE A 167 1.76 -16.59 14.04
C ILE A 167 0.53 -16.29 14.89
N TYR A 168 0.25 -15.01 15.04
CA TYR A 168 -0.88 -14.56 15.83
C TYR A 168 -1.63 -13.54 15.02
N ARG A 169 -2.95 -13.70 14.97
CA ARG A 169 -3.76 -12.74 14.25
C ARG A 169 -4.39 -11.79 15.24
N CYS A 170 -4.18 -10.51 15.00
CA CYS A 170 -4.88 -9.46 15.72
C CYS A 170 -6.06 -9.06 14.86
N GLU A 171 -7.20 -9.69 15.13
CA GLU A 171 -8.43 -9.41 14.39
C GLU A 171 -9.23 -8.31 15.08
N GLY A 172 -9.82 -7.42 14.30
CA GLY A 172 -10.62 -6.34 14.84
C GLY A 172 -11.91 -6.13 14.08
N ARG A 173 -13.02 -6.04 14.81
CA ARG A 173 -14.31 -5.84 14.17
C ARG A 173 -15.02 -4.61 14.72
N VAL A 174 -15.86 -4.01 13.89
CA VAL A 174 -16.74 -2.94 14.31
C VAL A 174 -18.16 -3.41 14.05
N GLU A 175 -18.79 -3.97 15.08
CA GLU A 175 -20.13 -4.53 14.96
C GLU A 175 -21.08 -3.52 14.34
N ALA A 176 -20.81 -2.24 14.55
CA ALA A 176 -21.67 -1.18 14.02
C ALA A 176 -21.65 -1.09 12.50
N ARG A 177 -20.67 -1.72 11.85
CA ARG A 177 -20.53 -1.63 10.41
C ARG A 177 -20.27 -3.00 9.75
N GLY A 178 -20.22 -4.05 10.55
CA GLY A 178 -19.95 -5.38 10.04
C GLY A 178 -18.56 -5.41 9.45
N GLU A 179 -17.83 -4.33 9.72
CA GLU A 179 -16.47 -4.15 9.23
C GLU A 179 -15.49 -5.00 10.03
N ILE A 180 -14.59 -5.67 9.33
CA ILE A 180 -13.58 -6.50 9.97
C ILE A 180 -12.25 -6.41 9.20
N ASP A 181 -11.16 -6.67 9.92
CA ASP A 181 -9.81 -6.54 9.39
C ASP A 181 -8.83 -7.04 10.45
N PHE A 182 -7.81 -7.77 10.02
CA PHE A 182 -6.87 -8.33 10.97
C PHE A 182 -5.44 -8.07 10.50
N ARG A 183 -4.48 -8.42 11.34
CA ARG A 183 -3.08 -8.44 10.96
C ARG A 183 -2.44 -9.69 11.52
N ASP A 184 -1.44 -10.19 10.83
CA ASP A 184 -0.76 -11.39 11.28
C ASP A 184 0.65 -11.07 11.70
N ILE A 185 0.93 -11.31 12.98
CA ILE A 185 2.23 -10.99 13.53
C ILE A 185 3.02 -12.25 13.76
N ILE A 186 4.31 -12.17 13.47
CA ILE A 186 5.19 -13.28 13.74
C ILE A 186 5.78 -13.08 15.11
N VAL A 187 5.86 -14.18 15.85
CA VAL A 187 6.43 -14.17 17.17
C VAL A 187 7.66 -15.06 17.21
N ILE A 188 8.76 -14.49 17.68
CA ILE A 188 10.02 -15.20 17.79
C ILE A 188 10.44 -15.34 19.25
N VAL A 189 10.75 -16.57 19.65
CA VAL A 189 11.20 -16.83 21.00
C VAL A 189 12.71 -17.06 21.00
N ASN A 190 13.45 -16.02 21.37
CA ASN A 190 14.89 -16.09 21.51
C ASN A 190 15.27 -16.89 22.75
N VAL A 191 16.11 -17.90 22.54
CA VAL A 191 16.52 -18.77 23.64
C VAL A 191 18.04 -18.89 23.72
N PRO A 192 18.63 -18.34 24.80
CA PRO A 192 20.07 -18.37 25.07
C PRO A 192 20.66 -19.76 24.88
N PRO A 193 21.97 -19.83 24.64
CA PRO A 193 22.69 -21.07 24.32
C PRO A 193 22.79 -22.02 25.50
N ALA A 194 22.77 -23.32 25.20
CA ALA A 194 22.89 -24.35 26.22
C ALA A 194 23.86 -25.43 25.74
N ILE A 195 25.10 -25.36 26.21
CA ILE A 195 26.14 -26.28 25.76
C ILE A 195 25.86 -27.71 26.23
N SER A 196 26.18 -28.66 25.37
CA SER A 196 26.03 -30.06 25.69
C SER A 196 27.24 -30.80 25.12
N MET A 197 28.02 -31.42 26.01
CA MET A 197 29.11 -32.29 25.61
C MET A 197 29.28 -33.42 26.63
N PRO A 198 28.87 -34.64 26.24
CA PRO A 198 28.88 -35.81 27.11
C PRO A 198 30.21 -35.98 27.84
N GLN A 199 31.32 -35.78 27.13
CA GLN A 199 32.63 -35.95 27.72
C GLN A 199 33.36 -34.62 27.90
N LYS A 200 33.78 -34.37 29.14
CA LYS A 200 34.60 -33.20 29.42
C LYS A 200 35.92 -33.64 30.04
N SER A 201 36.24 -34.92 29.89
CA SER A 201 37.49 -35.46 30.40
C SER A 201 37.99 -36.56 29.49
N PHE A 202 38.98 -36.22 28.67
CA PHE A 202 39.54 -37.15 27.72
C PHE A 202 40.94 -37.53 28.17
N ASN A 203 41.56 -38.45 27.44
CA ASN A 203 42.89 -38.91 27.81
C ASN A 203 43.56 -39.79 26.75
N ALA A 204 44.70 -39.34 26.26
CA ALA A 204 45.49 -40.11 25.31
C ALA A 204 46.91 -40.31 25.83
N THR A 205 47.79 -40.86 24.99
CA THR A 205 49.16 -41.08 25.40
C THR A 205 50.11 -40.13 24.65
N ALA A 206 51.10 -39.62 25.36
CA ALA A 206 51.96 -38.54 24.89
C ALA A 206 52.56 -38.75 23.50
N GLU A 207 53.88 -38.96 23.46
CA GLU A 207 54.67 -38.97 22.24
C GLU A 207 54.03 -39.68 21.05
N ARG A 208 53.32 -40.78 21.31
CA ARG A 208 52.66 -41.55 20.27
C ARG A 208 51.68 -40.67 19.49
N GLY A 209 51.68 -40.82 18.16
CA GLY A 209 50.86 -40.01 17.29
C GLY A 209 49.36 -40.13 17.49
N GLU A 210 48.93 -40.24 18.74
CA GLU A 210 47.51 -40.31 19.08
C GLU A 210 46.74 -39.13 18.50
N GLU A 211 45.43 -39.14 18.76
CA GLU A 211 44.56 -38.06 18.33
C GLU A 211 43.32 -38.07 19.21
N MET A 212 42.66 -36.92 19.33
CA MET A 212 41.45 -36.83 20.15
C MET A 212 40.48 -35.81 19.55
N THR A 213 39.23 -36.24 19.36
CA THR A 213 38.18 -35.33 18.93
C THR A 213 37.32 -34.92 20.13
N PHE A 214 36.98 -33.64 20.18
CA PHE A 214 36.19 -33.13 21.29
C PHE A 214 34.86 -32.58 20.82
N SER A 215 33.80 -33.17 21.35
CA SER A 215 32.44 -32.83 20.93
C SER A 215 31.83 -31.78 21.83
N CYS A 216 31.30 -30.73 21.20
CA CYS A 216 30.58 -29.69 21.90
C CYS A 216 29.37 -29.30 21.07
N ARG A 217 28.18 -29.64 21.56
CA ARG A 217 26.93 -29.27 20.92
C ARG A 217 26.21 -28.26 21.80
N ALA A 218 25.43 -27.36 21.20
CA ALA A 218 24.67 -26.40 21.99
C ALA A 218 23.16 -26.38 21.64
N SER A 219 22.43 -25.41 22.18
CA SER A 219 20.99 -25.34 21.99
C SER A 219 20.49 -23.91 22.13
N GLY A 220 19.87 -23.38 21.08
CA GLY A 220 19.38 -22.02 21.13
C GLY A 220 18.71 -21.54 19.86
N SER A 221 18.07 -20.37 19.96
CA SER A 221 17.41 -19.76 18.83
C SER A 221 17.67 -18.25 18.82
N PRO A 222 18.50 -17.79 17.87
CA PRO A 222 19.09 -18.55 16.76
C PRO A 222 20.02 -19.66 17.23
N GLU A 223 20.40 -20.58 16.33
CA GLU A 223 21.35 -21.62 16.71
C GLU A 223 22.71 -21.01 17.09
N PRO A 224 23.27 -21.47 18.23
CA PRO A 224 24.51 -20.93 18.78
C PRO A 224 25.74 -21.23 17.92
N ALA A 225 26.69 -20.31 17.93
CA ALA A 225 27.96 -20.52 17.25
C ALA A 225 29.00 -21.03 18.23
N ILE A 226 29.65 -22.14 17.88
CA ILE A 226 30.63 -22.75 18.77
C ILE A 226 32.07 -22.40 18.39
N SER A 227 32.72 -21.65 19.27
CA SER A 227 34.11 -21.28 19.10
C SER A 227 34.94 -21.88 20.22
N TRP A 228 36.02 -22.56 19.88
CA TRP A 228 36.92 -23.08 20.91
C TRP A 228 38.07 -22.14 21.29
N PHE A 229 38.59 -22.36 22.49
CA PHE A 229 39.73 -21.59 22.97
C PHE A 229 40.67 -22.50 23.71
N ARG A 230 41.96 -22.13 23.69
CA ARG A 230 42.99 -22.92 24.34
C ARG A 230 44.01 -21.99 24.95
N ASN A 231 44.26 -22.18 26.24
CA ASN A 231 45.29 -21.42 26.96
C ASN A 231 44.94 -19.95 27.11
N GLY A 232 44.29 -19.39 26.09
CA GLY A 232 43.93 -17.98 26.10
C GLY A 232 43.71 -17.48 24.70
N LYS A 233 44.00 -18.35 23.72
CA LYS A 233 43.82 -18.00 22.33
C LYS A 233 42.67 -18.77 21.71
N LEU A 234 41.99 -18.11 20.77
CA LEU A 234 40.99 -18.76 19.96
C LEU A 234 41.65 -19.87 19.19
N ILE A 235 41.01 -21.02 19.14
CA ILE A 235 41.55 -22.16 18.40
C ILE A 235 41.14 -22.12 16.93
N GLU A 236 42.13 -21.92 16.05
CA GLU A 236 41.91 -22.01 14.61
C GLU A 236 42.21 -23.43 14.15
N GLU A 237 41.97 -23.72 12.87
CA GLU A 237 42.18 -25.07 12.37
C GLU A 237 43.65 -25.47 12.44
N ASN A 238 44.42 -25.07 11.44
CA ASN A 238 45.83 -25.43 11.37
C ASN A 238 46.01 -26.92 11.10
N GLU A 239 47.26 -27.35 11.03
CA GLU A 239 47.55 -28.78 10.96
C GLU A 239 47.40 -29.38 12.34
N LYS A 240 47.35 -28.52 13.35
CA LYS A 240 47.30 -29.00 14.73
C LYS A 240 45.89 -29.45 15.07
N TYR A 241 44.92 -28.62 14.74
CA TYR A 241 43.54 -28.91 15.09
C TYR A 241 42.66 -28.93 13.86
N ILE A 242 41.70 -29.84 13.85
CA ILE A 242 40.74 -29.87 12.77
C ILE A 242 39.32 -29.91 13.31
N LEU A 243 38.59 -28.83 13.05
CA LEU A 243 37.19 -28.74 13.47
C LEU A 243 36.28 -28.77 12.25
N LYS A 244 35.27 -29.64 12.31
CA LYS A 244 34.41 -29.88 11.16
C LYS A 244 32.97 -29.42 11.36
N GLY A 245 32.21 -30.16 12.18
CA GLY A 245 30.79 -29.93 12.35
C GLY A 245 30.43 -28.52 12.79
N SER A 246 30.52 -27.57 11.88
CA SER A 246 30.33 -26.17 12.19
C SER A 246 31.07 -25.77 13.48
N ASN A 247 32.25 -26.35 13.68
CA ASN A 247 33.07 -26.11 14.85
C ASN A 247 32.49 -26.73 16.12
N THR A 248 31.81 -27.86 15.98
CA THR A 248 31.26 -28.56 17.15
C THR A 248 32.16 -29.73 17.54
N GLU A 249 33.17 -29.98 16.70
CA GLU A 249 34.05 -31.13 16.87
C GLU A 249 35.51 -30.74 16.71
N LEU A 250 36.21 -30.60 17.83
CA LEU A 250 37.62 -30.21 17.81
C LEU A 250 38.52 -31.42 17.87
N THR A 251 39.24 -31.68 16.79
CA THR A 251 40.21 -32.77 16.79
C THR A 251 41.63 -32.24 16.95
N VAL A 252 42.29 -32.68 18.02
CA VAL A 252 43.68 -32.33 18.24
C VAL A 252 44.60 -33.42 17.69
N ARG A 253 45.47 -33.03 16.76
CA ARG A 253 46.34 -33.98 16.06
C ARG A 253 47.74 -34.03 16.66
N ASN A 254 48.28 -35.22 16.81
CA ASN A 254 49.65 -35.39 17.31
C ASN A 254 49.83 -34.78 18.69
N ILE A 255 49.07 -35.29 19.66
CA ILE A 255 49.14 -34.75 20.99
C ILE A 255 50.46 -35.09 21.66
N ILE A 256 51.12 -34.08 22.19
CA ILE A 256 52.31 -34.30 23.00
C ILE A 256 51.93 -34.13 24.47
N ASN A 257 52.90 -33.83 25.32
CA ASN A 257 52.61 -33.61 26.72
C ASN A 257 51.99 -32.24 26.97
N SER A 258 52.33 -31.28 26.11
CA SER A 258 51.93 -29.89 26.31
C SER A 258 50.46 -29.64 26.01
N ASP A 259 49.81 -30.61 25.39
CA ASP A 259 48.43 -30.45 24.99
C ASP A 259 47.46 -30.76 26.12
N GLY A 260 47.95 -31.47 27.15
CA GLY A 260 47.13 -31.78 28.30
C GLY A 260 46.47 -30.52 28.85
N GLY A 261 45.28 -30.66 29.42
CA GLY A 261 44.62 -29.55 30.06
C GLY A 261 43.34 -29.06 29.40
N PRO A 262 42.66 -28.10 30.04
CA PRO A 262 41.39 -27.52 29.59
C PRO A 262 41.39 -27.03 28.14
N TYR A 263 40.38 -27.46 27.39
CA TYR A 263 40.03 -26.85 26.10
C TYR A 263 38.63 -26.27 26.19
N VAL A 264 38.53 -24.95 26.31
CA VAL A 264 37.26 -24.29 26.59
C VAL A 264 36.34 -24.17 25.37
N CYS A 265 35.05 -24.38 25.59
CA CYS A 265 34.07 -24.31 24.51
C CYS A 265 33.07 -23.19 24.71
N ARG A 266 33.09 -22.22 23.81
CA ARG A 266 32.15 -21.10 23.87
C ARG A 266 31.04 -21.28 22.85
N ALA A 267 29.81 -20.99 23.27
CA ALA A 267 28.65 -21.08 22.39
C ALA A 267 27.84 -19.80 22.55
N THR A 268 27.61 -19.09 21.45
CA THR A 268 26.97 -17.78 21.55
C THR A 268 25.81 -17.57 20.58
N ASN A 269 24.84 -16.78 21.02
CA ASN A 269 23.81 -16.20 20.16
C ASN A 269 23.34 -14.84 20.68
N LYS A 270 22.24 -14.34 20.14
CA LYS A 270 21.75 -13.01 20.50
C LYS A 270 20.98 -12.99 21.83
N ALA A 271 20.86 -14.16 22.45
CA ALA A 271 20.17 -14.30 23.72
C ALA A 271 21.10 -14.72 24.85
N GLY A 272 22.41 -14.59 24.62
CA GLY A 272 23.39 -14.89 25.65
C GLY A 272 24.46 -15.87 25.23
N GLU A 273 25.10 -16.50 26.21
CA GLU A 273 26.22 -17.39 25.95
C GLU A 273 26.37 -18.47 27.03
N ASP A 274 26.91 -19.62 26.64
CA ASP A 274 27.27 -20.67 27.58
C ASP A 274 28.69 -21.13 27.26
N GLU A 275 29.44 -21.50 28.30
CA GLU A 275 30.80 -21.98 28.11
C GLU A 275 31.07 -23.18 28.98
N LYS A 276 31.60 -24.23 28.36
CA LYS A 276 31.99 -25.42 29.09
C LYS A 276 33.31 -25.89 28.51
N GLN A 277 34.12 -26.56 29.32
CA GLN A 277 35.44 -26.98 28.86
C GLN A 277 35.68 -28.47 29.08
N ALA A 278 36.57 -29.03 28.26
CA ALA A 278 36.98 -30.42 28.41
C ALA A 278 38.41 -30.46 28.91
N PHE A 279 38.74 -31.49 29.68
CA PHE A 279 40.11 -31.66 30.14
C PHE A 279 40.78 -32.83 29.44
N LEU A 280 41.94 -32.57 28.85
CA LEU A 280 42.68 -33.59 28.11
C LEU A 280 43.88 -34.07 28.92
N GLN A 281 43.80 -35.28 29.46
CA GLN A 281 44.89 -35.82 30.28
C GLN A 281 45.84 -36.69 29.45
N VAL A 282 47.15 -36.49 29.64
CA VAL A 282 48.15 -37.26 28.92
C VAL A 282 48.99 -38.14 29.86
N ALA B 3 -43.33 -14.67 20.95
CA ALA B 3 -44.70 -15.07 20.66
C ALA B 3 -44.86 -15.60 19.22
N LEU B 4 -44.15 -15.00 18.28
CA LEU B 4 -44.37 -15.30 16.88
C LEU B 4 -43.07 -15.64 16.14
N LEU B 5 -41.94 -15.54 16.85
CA LEU B 5 -40.60 -15.78 16.30
C LEU B 5 -40.28 -14.93 15.08
N GLN B 6 -39.41 -13.95 15.26
CA GLN B 6 -38.96 -13.17 14.13
C GLN B 6 -37.44 -13.25 13.99
N VAL B 7 -36.98 -13.01 12.77
CA VAL B 7 -35.58 -13.13 12.44
C VAL B 7 -35.10 -11.82 11.86
N THR B 8 -33.88 -11.41 12.25
CA THR B 8 -33.32 -10.17 11.73
C THR B 8 -31.85 -10.37 11.36
N ILE B 9 -31.39 -9.64 10.34
CA ILE B 9 -29.97 -9.57 10.02
C ILE B 9 -29.46 -8.17 10.36
N SER B 10 -28.18 -8.07 10.71
CA SER B 10 -27.53 -6.80 11.02
C SER B 10 -27.77 -5.82 9.88
N LEU B 11 -27.51 -6.25 8.65
CA LEU B 11 -27.67 -5.38 7.48
C LEU B 11 -28.55 -6.08 6.47
N SER B 12 -29.15 -5.30 5.59
CA SER B 12 -30.14 -5.83 4.66
C SER B 12 -29.63 -5.77 3.22
N LYS B 13 -28.62 -4.94 3.01
CA LYS B 13 -28.11 -4.69 1.67
C LYS B 13 -26.74 -4.05 1.72
N VAL B 14 -25.70 -4.86 1.53
CA VAL B 14 -24.34 -4.31 1.49
C VAL B 14 -23.71 -4.42 0.11
N GLU B 15 -22.85 -3.46 -0.21
CA GLU B 15 -22.19 -3.42 -1.51
C GLU B 15 -20.67 -3.39 -1.37
N LEU B 16 -20.05 -4.56 -1.45
CA LEU B 16 -18.61 -4.64 -1.31
C LEU B 16 -17.90 -4.46 -2.65
N SER B 17 -16.70 -3.91 -2.60
CA SER B 17 -15.81 -3.97 -3.75
C SER B 17 -14.94 -5.21 -3.60
N VAL B 18 -14.51 -5.78 -4.72
CA VAL B 18 -13.81 -7.06 -4.69
C VAL B 18 -12.62 -7.04 -3.74
N GLY B 19 -12.47 -8.13 -2.99
CA GLY B 19 -11.32 -8.27 -2.11
C GLY B 19 -11.53 -7.76 -0.70
N GLU B 20 -12.66 -7.09 -0.46
CA GLU B 20 -12.90 -6.54 0.87
C GLU B 20 -13.83 -7.44 1.68
N SER B 21 -13.52 -7.59 2.97
CA SER B 21 -14.27 -8.49 3.85
C SER B 21 -15.46 -7.82 4.53
N LYS B 22 -16.20 -8.61 5.30
CA LYS B 22 -17.44 -8.14 5.93
C LYS B 22 -18.18 -9.30 6.60
N PHE B 23 -18.88 -8.99 7.69
CA PHE B 23 -19.67 -10.00 8.40
C PHE B 23 -21.10 -9.52 8.67
N PHE B 24 -22.00 -10.47 8.89
CA PHE B 24 -23.41 -10.16 9.15
C PHE B 24 -23.90 -11.04 10.27
N THR B 25 -24.65 -10.44 11.19
CA THR B 25 -25.15 -11.16 12.33
C THR B 25 -26.64 -11.39 12.18
N CYS B 26 -27.07 -12.58 12.54
CA CYS B 26 -28.46 -12.94 12.43
C CYS B 26 -29.02 -13.23 13.81
N THR B 27 -30.24 -12.78 14.07
CA THR B 27 -30.83 -12.97 15.38
C THR B 27 -32.22 -13.57 15.28
N ALA B 28 -32.33 -14.82 15.71
CA ALA B 28 -33.60 -15.51 15.71
C ALA B 28 -34.33 -15.20 17.00
N ILE B 29 -34.79 -13.96 17.13
CA ILE B 29 -35.49 -13.56 18.35
C ILE B 29 -36.76 -14.39 18.54
N GLY B 30 -36.70 -15.30 19.52
CA GLY B 30 -37.76 -16.25 19.77
C GLY B 30 -37.17 -17.46 20.49
N GLU B 31 -37.76 -18.63 20.26
CA GLU B 31 -37.25 -19.87 20.87
C GLU B 31 -36.76 -20.82 19.77
N PRO B 32 -35.67 -20.44 19.08
CA PRO B 32 -35.17 -21.19 17.93
C PRO B 32 -34.86 -22.64 18.25
N GLU B 33 -34.72 -23.44 17.20
CA GLU B 33 -34.34 -24.84 17.30
C GLU B 33 -33.09 -25.02 16.47
N SER B 34 -32.94 -24.17 15.45
CA SER B 34 -31.74 -24.13 14.62
C SER B 34 -31.71 -22.88 13.77
N ILE B 35 -30.49 -22.43 13.46
CA ILE B 35 -30.31 -21.32 12.54
C ILE B 35 -29.33 -21.77 11.48
N ASP B 36 -29.60 -21.37 10.24
CA ASP B 36 -28.75 -21.77 9.13
C ASP B 36 -28.72 -20.67 8.08
N TRP B 37 -27.53 -20.44 7.54
CA TRP B 37 -27.37 -19.46 6.50
C TRP B 37 -27.44 -20.15 5.15
N TYR B 38 -27.90 -19.40 4.14
CA TYR B 38 -27.95 -19.92 2.80
C TYR B 38 -27.34 -18.93 1.83
N ASN B 39 -26.46 -19.45 0.97
CA ASN B 39 -25.73 -18.60 0.02
C ASN B 39 -26.62 -18.20 -1.13
N PRO B 40 -26.19 -17.20 -1.91
CA PRO B 40 -27.04 -16.70 -2.99
C PRO B 40 -27.47 -17.83 -3.93
N GLN B 41 -26.71 -18.92 -3.95
CA GLN B 41 -27.00 -20.07 -4.79
C GLN B 41 -28.23 -20.82 -4.28
N GLY B 42 -28.16 -21.31 -3.05
CA GLY B 42 -29.29 -21.98 -2.44
C GLY B 42 -28.87 -23.01 -1.42
N GLU B 43 -27.57 -23.23 -1.31
CA GLU B 43 -27.05 -24.22 -0.37
C GLU B 43 -26.77 -23.65 1.02
N LYS B 44 -26.89 -24.50 2.03
CA LYS B 44 -26.55 -24.12 3.38
C LYS B 44 -25.06 -23.85 3.44
N ILE B 45 -24.68 -22.66 3.91
CA ILE B 45 -23.27 -22.39 4.10
C ILE B 45 -22.71 -23.24 5.23
N ILE B 46 -21.71 -24.05 4.91
CA ILE B 46 -20.95 -24.75 5.94
C ILE B 46 -19.56 -24.14 6.01
N SER B 47 -19.30 -23.42 7.10
CA SER B 47 -18.14 -22.51 7.19
C SER B 47 -16.82 -23.11 6.72
N THR B 48 -16.28 -22.53 5.66
CA THR B 48 -14.93 -22.84 5.22
C THR B 48 -14.00 -21.97 6.06
N GLN B 49 -13.13 -21.20 5.42
CA GLN B 49 -12.32 -20.24 6.13
C GLN B 49 -12.62 -18.85 5.62
N ARG B 50 -12.77 -18.73 4.32
CA ARG B 50 -13.06 -17.42 3.75
C ARG B 50 -14.49 -17.04 4.11
N VAL B 51 -15.38 -18.03 4.09
CA VAL B 51 -16.75 -17.80 4.51
C VAL B 51 -17.01 -18.50 5.83
N VAL B 52 -17.09 -17.71 6.89
CA VAL B 52 -17.25 -18.29 8.22
C VAL B 52 -18.65 -18.07 8.78
N VAL B 53 -19.16 -19.08 9.44
CA VAL B 53 -20.41 -18.93 10.17
C VAL B 53 -20.26 -19.40 11.61
N GLN B 54 -20.33 -18.47 12.53
CA GLN B 54 -20.20 -18.77 13.95
C GLN B 54 -21.55 -18.61 14.63
N LYS B 55 -22.08 -19.71 15.15
CA LYS B 55 -23.40 -19.75 15.71
C LYS B 55 -23.26 -19.92 17.21
N GLU B 56 -23.99 -19.10 17.97
CA GLU B 56 -23.93 -19.20 19.42
C GLU B 56 -25.19 -18.62 20.05
N GLY B 57 -25.99 -19.50 20.64
CA GLY B 57 -27.24 -19.12 21.27
C GLY B 57 -28.36 -18.89 20.27
N VAL B 58 -28.76 -17.63 20.14
CA VAL B 58 -29.86 -17.23 19.28
C VAL B 58 -29.31 -16.35 18.14
N ARG B 59 -28.00 -16.18 18.12
CA ARG B 59 -27.35 -15.41 17.07
C ARG B 59 -26.54 -16.34 16.15
N SER B 60 -26.35 -15.89 14.91
CA SER B 60 -25.48 -16.56 13.96
C SER B 60 -24.75 -15.52 13.10
N ARG B 61 -23.42 -15.48 13.21
CA ARG B 61 -22.65 -14.51 12.45
C ARG B 61 -22.11 -15.12 11.17
N LEU B 62 -22.10 -14.32 10.12
CA LEU B 62 -21.55 -14.75 8.86
C LEU B 62 -20.47 -13.80 8.40
N THR B 63 -19.24 -14.30 8.37
CA THR B 63 -18.11 -13.48 7.97
C THR B 63 -17.59 -13.94 6.62
N ILE B 64 -17.43 -12.99 5.72
CA ILE B 64 -16.94 -13.26 4.38
C ILE B 64 -15.69 -12.46 4.10
N TYR B 65 -14.59 -13.15 3.85
CA TYR B 65 -13.33 -12.48 3.61
C TYR B 65 -13.07 -12.23 2.13
N ASN B 66 -12.63 -11.01 1.81
CA ASN B 66 -12.29 -10.65 0.45
C ASN B 66 -13.33 -11.12 -0.55
N ALA B 67 -14.37 -10.32 -0.71
CA ALA B 67 -15.48 -10.70 -1.57
C ALA B 67 -15.05 -10.82 -3.02
N ASN B 68 -15.58 -11.85 -3.69
CA ASN B 68 -15.42 -12.01 -5.12
C ASN B 68 -16.79 -11.96 -5.78
N ILE B 69 -16.82 -11.82 -7.09
CA ILE B 69 -18.09 -11.66 -7.79
C ILE B 69 -19.04 -12.87 -7.66
N GLU B 70 -18.50 -14.04 -7.31
CA GLU B 70 -19.34 -15.21 -7.12
C GLU B 70 -19.99 -15.22 -5.73
N ASP B 71 -20.00 -14.06 -5.10
CA ASP B 71 -20.55 -13.94 -3.76
C ASP B 71 -21.72 -12.99 -3.79
N ALA B 72 -21.96 -12.38 -4.93
CA ALA B 72 -23.11 -11.51 -5.08
C ALA B 72 -24.39 -12.32 -4.92
N GLY B 73 -25.39 -11.73 -4.28
CA GLY B 73 -26.65 -12.40 -4.13
C GLY B 73 -27.31 -12.32 -2.77
N ILE B 74 -28.53 -12.83 -2.73
CA ILE B 74 -29.34 -12.84 -1.54
C ILE B 74 -28.91 -13.95 -0.62
N TYR B 75 -28.44 -13.59 0.55
CA TYR B 75 -28.15 -14.57 1.57
C TYR B 75 -29.36 -14.65 2.48
N ARG B 76 -29.50 -15.80 3.14
CA ARG B 76 -30.70 -16.09 3.89
C ARG B 76 -30.36 -16.71 5.22
N CYS B 77 -30.89 -16.11 6.27
CA CYS B 77 -30.83 -16.72 7.57
C CYS B 77 -32.20 -17.30 7.85
N GLN B 78 -32.23 -18.57 8.25
CA GLN B 78 -33.49 -19.25 8.45
C GLN B 78 -33.55 -19.91 9.81
N ALA B 79 -34.57 -19.57 10.57
CA ALA B 79 -34.76 -20.14 11.88
C ALA B 79 -35.95 -21.10 11.90
N THR B 80 -35.70 -22.31 12.41
CA THR B 80 -36.74 -23.30 12.62
C THR B 80 -36.87 -23.53 14.10
N ASP B 81 -38.10 -23.65 14.58
CA ASP B 81 -38.32 -23.92 16.00
C ASP B 81 -39.00 -25.26 16.21
N ALA B 82 -39.04 -25.71 17.46
CA ALA B 82 -39.85 -26.86 17.82
C ALA B 82 -41.29 -26.55 17.41
N LYS B 83 -42.09 -27.58 17.20
CA LYS B 83 -43.44 -27.38 16.69
C LYS B 83 -43.39 -27.20 15.17
N GLY B 84 -42.28 -26.64 14.68
CA GLY B 84 -42.05 -26.56 13.26
C GLY B 84 -41.92 -25.17 12.65
N GLN B 85 -42.59 -24.18 13.23
CA GLN B 85 -42.57 -22.82 12.70
C GLN B 85 -41.16 -22.38 12.26
N THR B 86 -41.07 -21.87 11.03
CA THR B 86 -39.79 -21.42 10.48
C THR B 86 -39.90 -20.01 9.91
N GLN B 87 -39.09 -19.10 10.43
CA GLN B 87 -39.04 -17.74 9.95
C GLN B 87 -37.67 -17.44 9.34
N GLU B 88 -37.56 -16.33 8.60
CA GLU B 88 -36.30 -16.01 7.93
C GLU B 88 -36.11 -14.51 7.64
N ALA B 89 -34.94 -14.18 7.14
CA ALA B 89 -34.61 -12.82 6.72
C ALA B 89 -33.54 -12.91 5.65
N THR B 90 -33.40 -11.84 4.88
CA THR B 90 -32.45 -11.87 3.79
C THR B 90 -31.60 -10.63 3.75
N VAL B 91 -30.40 -10.80 3.20
CA VAL B 91 -29.54 -9.66 2.94
C VAL B 91 -29.08 -9.74 1.51
N VAL B 92 -29.03 -8.58 0.86
CA VAL B 92 -28.64 -8.51 -0.54
C VAL B 92 -27.23 -7.96 -0.64
N LEU B 93 -26.29 -8.85 -0.98
CA LEU B 93 -24.89 -8.49 -1.05
C LEU B 93 -24.44 -8.28 -2.49
N GLU B 94 -24.05 -7.05 -2.82
CA GLU B 94 -23.57 -6.70 -4.17
C GLU B 94 -22.06 -6.49 -4.24
N ILE B 95 -21.39 -7.23 -5.13
CA ILE B 95 -19.96 -7.05 -5.34
C ILE B 95 -19.67 -6.21 -6.57
N TYR B 96 -18.68 -5.33 -6.47
CA TYR B 96 -18.34 -4.45 -7.58
C TYR B 96 -16.83 -4.15 -7.56
N GLN B 97 -16.39 -3.31 -8.48
CA GLN B 97 -14.99 -2.96 -8.55
C GLN B 97 -14.83 -1.45 -8.55
N LYS B 98 -14.29 -0.95 -7.44
CA LYS B 98 -14.04 0.47 -7.24
C LYS B 98 -13.18 1.01 -8.37
N LEU B 99 -13.08 2.34 -8.45
CA LEU B 99 -12.17 2.99 -9.38
C LEU B 99 -10.75 2.44 -9.21
N THR B 100 -10.20 1.90 -10.29
CA THR B 100 -8.84 1.39 -10.27
C THR B 100 -8.02 2.09 -11.34
N PHE B 101 -6.74 2.31 -11.04
CA PHE B 101 -5.81 2.87 -12.00
C PHE B 101 -4.62 1.93 -12.19
N ARG B 102 -4.70 1.09 -13.23
CA ARG B 102 -3.67 0.08 -13.47
C ARG B 102 -2.35 0.72 -13.87
N GLU B 103 -1.34 0.55 -13.00
CA GLU B 103 0.01 1.01 -13.29
C GLU B 103 0.03 2.39 -13.95
N VAL B 104 -0.20 3.42 -13.14
CA VAL B 104 -0.15 4.78 -13.65
C VAL B 104 1.28 5.20 -13.95
N VAL B 105 1.47 5.86 -15.09
CA VAL B 105 2.81 6.28 -15.52
C VAL B 105 3.04 7.80 -15.49
N SER B 106 3.90 8.24 -14.57
CA SER B 106 4.33 9.63 -14.56
C SER B 106 5.80 9.73 -14.17
N PRO B 107 6.56 10.57 -14.89
CA PRO B 107 6.04 11.41 -15.98
C PRO B 107 5.84 10.62 -17.26
N GLN B 108 5.09 11.21 -18.19
CA GLN B 108 4.94 10.67 -19.52
C GLN B 108 5.60 11.67 -20.44
N GLU B 109 6.28 11.18 -21.46
CA GLU B 109 7.08 12.04 -22.34
C GLU B 109 6.56 12.05 -23.75
N PHE B 110 6.67 13.21 -24.40
CA PHE B 110 6.27 13.34 -25.80
C PHE B 110 7.08 14.45 -26.47
N LYS B 111 7.68 14.14 -27.63
CA LYS B 111 8.42 15.13 -28.38
C LYS B 111 7.46 16.11 -29.05
N GLN B 112 7.71 17.40 -28.88
CA GLN B 112 6.86 18.41 -29.49
C GLN B 112 6.50 18.03 -30.92
N GLY B 113 5.31 18.42 -31.36
CA GLY B 113 4.87 18.15 -32.71
C GLY B 113 3.91 16.99 -32.85
N GLU B 114 4.32 15.82 -32.38
CA GLU B 114 3.50 14.62 -32.53
C GLU B 114 2.11 14.79 -31.92
N ASP B 115 1.19 13.91 -32.30
CA ASP B 115 -0.15 13.89 -31.72
C ASP B 115 -0.18 12.93 -30.54
N ALA B 116 0.33 13.40 -29.41
CA ALA B 116 0.53 12.55 -28.23
C ALA B 116 -0.75 12.26 -27.48
N GLU B 117 -0.76 11.14 -26.78
CA GLU B 117 -1.87 10.79 -25.92
C GLU B 117 -1.41 10.37 -24.53
N VAL B 118 -1.90 11.11 -23.53
CA VAL B 118 -1.61 10.79 -22.13
C VAL B 118 -2.40 9.57 -21.73
N VAL B 119 -1.69 8.55 -21.26
CA VAL B 119 -2.31 7.30 -20.89
C VAL B 119 -2.72 7.29 -19.42
N CYS B 120 -4.01 7.08 -19.19
CA CYS B 120 -4.54 6.89 -17.85
C CYS B 120 -5.41 5.64 -17.85
N ARG B 121 -4.90 4.59 -17.22
CA ARG B 121 -5.56 3.29 -17.25
C ARG B 121 -6.56 3.13 -16.11
N VAL B 122 -7.69 3.84 -16.22
CA VAL B 122 -8.71 3.81 -15.17
C VAL B 122 -9.91 2.96 -15.57
N SER B 123 -10.48 2.26 -14.59
CA SER B 123 -11.63 1.42 -14.82
C SER B 123 -12.34 1.07 -13.52
N SER B 124 -13.65 0.88 -13.63
CA SER B 124 -14.48 0.52 -12.51
C SER B 124 -15.80 0.02 -13.06
N SER B 125 -16.63 -0.51 -12.19
CA SER B 125 -17.91 -1.08 -12.60
C SER B 125 -19.04 -0.45 -11.79
N PRO B 126 -19.97 0.24 -12.46
CA PRO B 126 -20.03 0.34 -13.92
C PRO B 126 -18.91 1.22 -14.46
N ALA B 127 -18.55 1.02 -15.72
CA ALA B 127 -17.52 1.81 -16.38
C ALA B 127 -17.58 3.25 -15.86
N PRO B 128 -16.43 3.78 -15.45
CA PRO B 128 -16.32 5.12 -14.88
C PRO B 128 -16.51 6.19 -15.93
N ALA B 129 -16.95 7.37 -15.49
CA ALA B 129 -16.91 8.56 -16.34
C ALA B 129 -15.56 9.22 -16.09
N VAL B 130 -14.89 9.65 -17.15
CA VAL B 130 -13.53 10.15 -16.98
C VAL B 130 -13.38 11.58 -17.49
N SER B 131 -12.57 12.36 -16.78
CA SER B 131 -12.28 13.72 -17.20
C SER B 131 -10.79 14.02 -17.10
N TRP B 132 -10.37 15.03 -17.84
CA TRP B 132 -9.00 15.50 -17.76
C TRP B 132 -9.01 16.99 -17.39
N LEU B 133 -8.01 17.41 -16.64
CA LEU B 133 -7.95 18.76 -16.10
C LEU B 133 -6.50 19.23 -16.02
N TYR B 134 -6.27 20.53 -16.21
CA TYR B 134 -4.92 21.08 -16.20
C TYR B 134 -4.64 21.97 -14.99
N HIS B 135 -5.61 22.81 -14.63
CA HIS B 135 -5.48 23.65 -13.44
C HIS B 135 -6.25 23.06 -12.25
N THR B 140 -11.66 24.31 -15.26
CA THR B 140 -10.32 23.81 -15.52
C THR B 140 -10.35 22.46 -16.25
N THR B 141 -11.46 22.18 -16.90
CA THR B 141 -11.61 20.96 -17.67
C THR B 141 -11.06 21.19 -19.07
N ILE B 142 -11.31 20.28 -19.98
CA ILE B 142 -10.85 20.43 -21.36
C ILE B 142 -11.89 19.91 -22.34
N SER B 143 -12.04 20.59 -23.47
CA SER B 143 -13.03 20.18 -24.45
C SER B 143 -12.96 20.99 -25.74
N ASP B 144 -11.81 21.62 -25.99
CA ASP B 144 -11.62 22.40 -27.21
C ASP B 144 -11.54 21.51 -28.44
N ASN B 145 -10.65 21.88 -29.37
CA ASN B 145 -10.50 21.15 -30.63
C ASN B 145 -9.19 20.35 -30.68
N ARG B 146 -8.13 20.92 -30.13
CA ARG B 146 -6.82 20.26 -30.13
C ARG B 146 -6.71 19.19 -29.05
N PHE B 147 -7.79 19.00 -28.31
CA PHE B 147 -7.85 17.99 -27.27
C PHE B 147 -9.10 17.14 -27.39
N ALA B 148 -8.93 15.83 -27.25
CA ALA B 148 -10.04 14.90 -27.31
C ALA B 148 -9.78 13.75 -26.35
N MET B 149 -10.85 13.04 -25.97
CA MET B 149 -10.68 11.83 -25.18
C MET B 149 -10.97 10.61 -26.02
N LEU B 150 -10.01 9.70 -26.07
CA LEU B 150 -10.14 8.50 -26.90
C LEU B 150 -11.33 7.64 -26.50
N ALA B 151 -11.65 6.65 -27.34
CA ALA B 151 -12.73 5.72 -27.02
C ALA B 151 -12.44 5.12 -25.66
N ASN B 152 -11.16 5.02 -25.34
CA ASN B 152 -10.73 4.65 -24.01
C ASN B 152 -10.39 5.89 -23.21
N ASN B 153 -10.27 5.72 -21.90
CA ASN B 153 -9.97 6.82 -21.00
C ASN B 153 -9.04 7.88 -21.59
N ASN B 154 -7.93 7.42 -22.17
CA ASN B 154 -6.81 8.27 -22.63
C ASN B 154 -7.12 9.64 -23.21
N LEU B 155 -6.28 10.61 -22.89
CA LEU B 155 -6.44 11.97 -23.37
C LEU B 155 -5.52 12.25 -24.54
N GLN B 156 -6.07 12.88 -25.57
CA GLN B 156 -5.29 13.13 -26.77
C GLN B 156 -5.09 14.61 -27.12
N ILE B 157 -3.83 14.99 -27.24
CA ILE B 157 -3.47 16.29 -27.75
C ILE B 157 -2.92 16.08 -29.16
N LEU B 158 -3.15 17.04 -30.04
CA LEU B 158 -2.65 16.93 -31.39
C LEU B 158 -1.19 17.34 -31.40
N ASN B 159 -0.85 18.37 -32.15
CA ASN B 159 0.51 18.88 -32.16
C ASN B 159 0.86 19.53 -30.83
N ILE B 160 1.59 18.82 -29.98
CA ILE B 160 1.92 19.31 -28.66
C ILE B 160 2.81 20.56 -28.74
N ASN B 161 2.71 21.41 -27.73
CA ASN B 161 3.52 22.61 -27.61
C ASN B 161 4.22 22.57 -26.26
N LYS B 162 5.42 23.13 -26.20
CA LYS B 162 6.14 23.22 -24.94
C LYS B 162 5.27 23.85 -23.86
N SER B 163 4.34 24.70 -24.26
CA SER B 163 3.42 25.35 -23.33
C SER B 163 2.52 24.31 -22.67
N ASP B 164 1.91 23.47 -23.52
CA ASP B 164 1.01 22.42 -23.07
C ASP B 164 1.59 21.66 -21.89
N GLU B 165 2.89 21.39 -21.96
CA GLU B 165 3.64 20.75 -20.90
C GLU B 165 3.16 21.19 -19.52
N GLY B 166 2.88 20.22 -18.65
CA GLY B 166 2.35 20.49 -17.32
C GLY B 166 1.80 19.24 -16.68
N ILE B 167 0.91 19.40 -15.71
CA ILE B 167 0.31 18.25 -15.05
C ILE B 167 -1.15 18.06 -15.46
N TYR B 168 -1.56 16.81 -15.64
CA TYR B 168 -2.92 16.52 -16.08
C TYR B 168 -3.62 15.53 -15.17
N ARG B 169 -4.84 15.86 -14.78
CA ARG B 169 -5.61 14.99 -13.93
C ARG B 169 -6.54 14.07 -14.71
N CYS B 170 -6.39 12.78 -14.47
CA CYS B 170 -7.35 11.81 -14.97
C CYS B 170 -8.36 11.60 -13.84
N GLU B 171 -9.57 12.12 -14.04
CA GLU B 171 -10.58 12.08 -12.99
C GLU B 171 -11.76 11.16 -13.33
N GLY B 172 -11.95 10.12 -12.52
CA GLY B 172 -12.99 9.15 -12.77
C GLY B 172 -14.15 9.14 -11.79
N ARG B 173 -15.34 9.42 -12.30
CA ARG B 173 -16.55 9.44 -11.48
C ARG B 173 -17.42 8.21 -11.76
N VAL B 174 -17.85 7.53 -10.69
CA VAL B 174 -18.83 6.45 -10.83
C VAL B 174 -20.22 6.93 -10.38
N GLU B 175 -20.98 7.49 -11.32
CA GLU B 175 -22.20 8.23 -11.02
C GLU B 175 -23.13 7.54 -10.04
N ALA B 176 -23.21 6.21 -10.12
CA ALA B 176 -24.02 5.44 -9.20
C ALA B 176 -23.64 5.79 -7.77
N ARG B 177 -22.85 4.94 -7.12
CA ARG B 177 -22.23 5.34 -5.87
C ARG B 177 -21.40 6.58 -6.11
N GLY B 178 -21.79 7.71 -5.53
CA GLY B 178 -21.10 8.97 -5.78
C GLY B 178 -19.60 8.95 -5.53
N GLU B 179 -18.94 7.92 -6.04
CA GLU B 179 -17.49 7.73 -5.92
C GLU B 179 -16.72 8.53 -6.95
N ILE B 180 -15.64 9.15 -6.51
CA ILE B 180 -14.75 9.87 -7.41
C ILE B 180 -13.32 9.63 -6.97
N ASP B 181 -12.41 9.56 -7.93
CA ASP B 181 -10.99 9.38 -7.68
C ASP B 181 -10.27 10.00 -8.86
N PHE B 182 -8.97 10.22 -8.74
CA PHE B 182 -8.24 10.82 -9.84
C PHE B 182 -6.75 10.52 -9.78
N ARG B 183 -6.08 10.80 -10.89
CA ARG B 183 -4.62 10.65 -10.97
C ARG B 183 -4.00 11.86 -11.62
N ASP B 184 -2.82 12.22 -11.13
CA ASP B 184 -2.10 13.38 -11.63
C ASP B 184 -0.88 12.92 -12.42
N ILE B 185 -0.95 13.03 -13.74
CA ILE B 185 0.18 12.64 -14.58
C ILE B 185 0.93 13.87 -15.06
N ILE B 186 2.24 13.90 -14.80
CA ILE B 186 3.04 15.01 -15.31
C ILE B 186 3.45 14.71 -16.75
N VAL B 187 3.16 15.65 -17.62
CA VAL B 187 3.43 15.48 -19.03
C VAL B 187 4.52 16.41 -19.51
N ILE B 188 5.59 15.82 -20.03
CA ILE B 188 6.75 16.58 -20.48
C ILE B 188 6.79 16.69 -22.01
N VAL B 189 6.98 17.90 -22.50
CA VAL B 189 7.18 18.13 -23.93
C VAL B 189 8.68 18.16 -24.20
N ASN B 190 9.09 17.45 -25.25
CA ASN B 190 10.49 17.41 -25.62
C ASN B 190 10.74 18.11 -26.94
N VAL B 191 11.65 19.07 -26.93
CA VAL B 191 11.94 19.83 -28.14
C VAL B 191 13.38 19.61 -28.62
N PRO B 192 13.52 19.10 -29.85
CA PRO B 192 14.83 18.83 -30.44
C PRO B 192 15.66 20.11 -30.65
N PRO B 193 16.99 19.97 -30.69
CA PRO B 193 17.94 21.08 -30.79
C PRO B 193 17.66 21.98 -31.98
N ALA B 194 17.79 23.29 -31.78
CA ALA B 194 17.73 24.26 -32.86
C ALA B 194 18.85 25.28 -32.67
N ILE B 195 19.90 25.12 -33.46
CA ILE B 195 21.10 25.92 -33.34
C ILE B 195 20.86 27.40 -33.65
N SER B 196 21.60 28.27 -32.95
CA SER B 196 21.57 29.71 -33.15
C SER B 196 22.98 30.23 -33.41
N MET B 197 23.29 30.47 -34.69
CA MET B 197 24.63 30.95 -35.09
C MET B 197 24.62 32.43 -35.44
N PRO B 198 24.98 33.29 -34.47
CA PRO B 198 25.05 34.73 -34.72
C PRO B 198 25.92 35.04 -35.93
N GLN B 199 27.24 34.90 -35.77
CA GLN B 199 28.17 35.03 -36.88
C GLN B 199 28.54 33.64 -37.38
N LYS B 200 28.26 33.37 -38.65
CA LYS B 200 28.51 32.05 -39.22
C LYS B 200 29.72 32.05 -40.16
N SER B 201 30.37 33.20 -40.30
CA SER B 201 31.52 33.34 -41.18
C SER B 201 32.43 34.51 -40.76
N PHE B 202 33.70 34.21 -40.56
CA PHE B 202 34.68 35.22 -40.12
C PHE B 202 35.84 35.38 -41.11
N ASN B 203 36.40 36.59 -41.18
CA ASN B 203 37.58 36.86 -42.00
C ASN B 203 38.73 37.44 -41.19
N GLY B 209 49.35 36.08 -35.48
CA GLY B 209 49.05 35.20 -34.36
C GLY B 209 47.74 35.54 -33.67
N GLU B 210 46.62 35.33 -34.37
CA GLU B 210 45.31 35.67 -33.85
C GLU B 210 44.54 34.44 -33.37
N GLU B 211 43.22 34.59 -33.24
CA GLU B 211 42.39 33.52 -32.65
C GLU B 211 40.99 33.38 -33.27
N MET B 212 40.16 34.40 -33.05
CA MET B 212 38.75 34.40 -33.50
C MET B 212 37.81 33.45 -32.72
N THR B 213 36.76 34.03 -32.14
CA THR B 213 35.78 33.28 -31.38
C THR B 213 34.58 32.91 -32.26
N PHE B 214 34.06 31.70 -32.05
CA PHE B 214 32.99 31.19 -32.89
C PHE B 214 31.80 30.75 -32.02
N SER B 215 30.66 31.42 -32.19
CA SER B 215 29.51 31.20 -31.31
C SER B 215 28.42 30.33 -31.92
N CYS B 216 28.00 29.32 -31.18
CA CYS B 216 26.91 28.43 -31.59
C CYS B 216 26.17 27.87 -30.38
N ARG B 217 24.98 28.41 -30.13
CA ARG B 217 24.13 27.91 -29.05
C ARG B 217 22.76 27.49 -29.61
N ALA B 218 22.32 26.29 -29.26
CA ALA B 218 21.07 25.74 -29.80
C ALA B 218 19.94 25.73 -28.78
N SER B 219 18.74 26.10 -29.22
CA SER B 219 17.56 26.04 -28.38
C SER B 219 17.00 24.63 -28.35
N GLY B 220 16.97 24.01 -27.17
CA GLY B 220 16.49 22.64 -27.07
C GLY B 220 16.05 22.22 -25.68
N SER B 221 15.39 21.06 -25.61
CA SER B 221 14.79 20.59 -24.37
C SER B 221 14.83 19.06 -24.29
N PRO B 222 15.71 18.52 -23.44
CA PRO B 222 16.66 19.24 -22.58
C PRO B 222 17.61 20.12 -23.39
N GLU B 223 18.16 21.16 -22.77
CA GLU B 223 19.17 21.98 -23.42
C GLU B 223 20.19 21.07 -24.10
N PRO B 224 20.21 21.09 -25.45
CA PRO B 224 21.08 20.18 -26.21
C PRO B 224 22.52 20.30 -25.76
N ALA B 225 23.21 19.18 -25.67
CA ALA B 225 24.65 19.21 -25.43
C ALA B 225 25.38 19.66 -26.71
N ILE B 226 25.94 20.86 -26.69
CA ILE B 226 26.67 21.38 -27.85
C ILE B 226 27.90 20.55 -28.14
N SER B 227 28.33 20.57 -29.40
CA SER B 227 29.54 19.88 -29.82
C SER B 227 30.05 20.49 -31.12
N TRP B 228 31.34 20.77 -31.16
CA TRP B 228 31.95 21.36 -32.33
C TRP B 228 32.78 20.33 -33.08
N PHE B 229 32.67 20.32 -34.40
CA PHE B 229 33.38 19.36 -35.22
C PHE B 229 34.10 20.02 -36.37
N ARG B 230 35.36 19.65 -36.55
CA ARG B 230 36.20 20.24 -37.59
C ARG B 230 37.17 19.19 -38.11
N ASN B 231 37.27 19.08 -39.43
CA ASN B 231 38.10 18.06 -40.05
C ASN B 231 37.56 16.68 -39.69
N GLY B 232 36.24 16.60 -39.54
CA GLY B 232 35.58 15.36 -39.13
C GLY B 232 36.10 14.85 -37.80
N LYS B 233 37.01 15.61 -37.19
CA LYS B 233 37.64 15.22 -35.94
C LYS B 233 36.78 15.68 -34.77
N LEU B 234 36.83 14.92 -33.68
CA LEU B 234 36.16 15.33 -32.46
C LEU B 234 37.02 16.38 -31.77
N ILE B 235 36.37 17.39 -31.22
CA ILE B 235 37.07 18.53 -30.67
C ILE B 235 37.15 18.51 -29.15
N GLU B 236 38.37 18.33 -28.64
CA GLU B 236 38.63 18.42 -27.21
C GLU B 236 38.82 19.89 -26.84
N GLU B 237 39.14 20.15 -25.58
CA GLU B 237 39.44 21.52 -25.14
C GLU B 237 40.61 22.05 -25.97
N ASN B 238 41.60 21.18 -26.17
CA ASN B 238 42.71 21.46 -27.08
C ASN B 238 43.58 22.62 -26.63
N GLU B 239 44.81 22.63 -27.13
CA GLU B 239 45.78 23.68 -26.81
C GLU B 239 45.82 24.71 -27.93
N LYS B 240 44.87 24.60 -28.85
CA LYS B 240 44.77 25.51 -29.99
C LYS B 240 43.59 26.47 -29.82
N TYR B 241 42.69 26.13 -28.89
CA TYR B 241 41.49 26.92 -28.66
C TYR B 241 40.88 26.64 -27.29
N ILE B 242 39.69 27.18 -27.06
CA ILE B 242 38.99 27.04 -25.78
C ILE B 242 37.46 26.93 -25.94
N LEU B 243 36.82 26.33 -24.94
CA LEU B 243 35.36 26.13 -24.95
C LEU B 243 34.75 26.28 -23.56
N LYS B 244 33.99 27.35 -23.34
CA LYS B 244 33.30 27.57 -22.08
C LYS B 244 31.79 27.70 -22.32
N GLY B 245 31.03 28.04 -21.29
CA GLY B 245 29.59 28.07 -21.40
C GLY B 245 29.14 26.74 -21.97
N SER B 246 29.73 25.67 -21.43
CA SER B 246 29.49 24.30 -21.88
C SER B 246 29.69 24.10 -23.39
N ASN B 247 30.83 24.59 -23.90
CA ASN B 247 31.21 24.42 -25.31
C ASN B 247 30.37 25.25 -26.28
N THR B 248 29.59 26.20 -25.75
CA THR B 248 28.72 27.03 -26.56
C THR B 248 29.48 27.74 -27.71
N GLU B 249 30.71 28.18 -27.42
CA GLU B 249 31.51 28.89 -28.43
C GLU B 249 32.83 28.19 -28.76
N LEU B 250 33.56 28.75 -29.71
CA LEU B 250 34.77 28.12 -30.23
C LEU B 250 35.80 29.15 -30.68
N THR B 251 36.77 29.42 -29.83
CA THR B 251 37.78 30.41 -30.15
C THR B 251 39.09 29.73 -30.50
N VAL B 252 39.32 29.55 -31.80
CA VAL B 252 40.55 28.91 -32.26
C VAL B 252 41.80 29.59 -31.71
N ASN B 257 46.78 29.43 -40.81
CA ASN B 257 46.09 29.47 -42.10
C ASN B 257 45.69 28.09 -42.56
N SER B 258 46.22 27.08 -41.86
CA SER B 258 45.87 25.69 -42.15
C SER B 258 44.43 25.44 -41.70
N ASP B 259 44.02 26.19 -40.68
CA ASP B 259 42.65 26.12 -40.17
C ASP B 259 41.75 26.98 -41.04
N GLY B 260 41.60 26.60 -42.30
CA GLY B 260 40.81 27.39 -43.23
C GLY B 260 39.43 26.82 -43.43
N GLY B 261 39.33 25.50 -43.28
CA GLY B 261 38.09 24.80 -43.54
C GLY B 261 36.91 25.27 -42.70
N PRO B 262 35.69 24.96 -43.15
CA PRO B 262 34.45 25.25 -42.41
C PRO B 262 34.42 24.53 -41.06
N TYR B 263 33.60 25.03 -40.14
CA TYR B 263 33.52 24.44 -38.80
C TYR B 263 32.09 24.15 -38.38
N VAL B 264 31.73 22.87 -38.39
CA VAL B 264 30.35 22.47 -38.10
C VAL B 264 30.09 22.24 -36.61
N CYS B 265 28.96 22.77 -36.15
CA CYS B 265 28.54 22.62 -34.76
C CYS B 265 27.30 21.73 -34.69
N ARG B 266 27.25 20.85 -33.69
CA ARG B 266 26.07 20.01 -33.51
C ARG B 266 25.53 19.99 -32.08
N ALA B 267 24.23 20.30 -31.97
CA ALA B 267 23.52 20.24 -30.69
C ALA B 267 22.71 18.95 -30.62
N THR B 268 22.61 18.37 -29.42
CA THR B 268 21.95 17.08 -29.24
C THR B 268 21.29 16.92 -27.86
N ASN B 269 20.08 16.39 -27.86
CA ASN B 269 19.40 16.01 -26.63
C ASN B 269 18.73 14.65 -26.81
N LYS B 270 17.74 14.37 -25.96
CA LYS B 270 17.00 13.11 -26.05
C LYS B 270 16.12 13.05 -27.29
N ALA B 271 15.73 14.22 -27.80
CA ALA B 271 15.05 14.30 -29.09
C ALA B 271 16.13 14.32 -30.17
N GLY B 272 15.80 14.88 -31.33
CA GLY B 272 16.73 14.90 -32.44
C GLY B 272 18.05 15.59 -32.13
N GLU B 273 18.86 15.79 -33.18
CA GLU B 273 20.11 16.53 -33.07
C GLU B 273 20.25 17.48 -34.24
N ASP B 274 20.82 18.66 -33.99
CA ASP B 274 20.94 19.68 -35.03
C ASP B 274 22.39 19.87 -35.46
N GLU B 275 22.58 20.69 -36.50
CA GLU B 275 23.91 20.90 -37.05
C GLU B 275 23.93 22.08 -38.02
N LYS B 276 24.92 22.94 -37.84
CA LYS B 276 25.15 24.05 -38.76
C LYS B 276 26.64 24.22 -38.95
N GLN B 277 27.03 24.79 -40.09
CA GLN B 277 28.43 24.99 -40.41
C GLN B 277 28.89 26.39 -40.01
N ALA B 278 30.19 26.61 -40.01
CA ALA B 278 30.76 27.91 -39.62
C ALA B 278 31.98 28.25 -40.46
#